data_3TDL
#
_entry.id   3TDL
#
_cell.length_a   176.657
_cell.length_b   37.137
_cell.length_c   90.195
_cell.angle_alpha   90.00
_cell.angle_beta   104.38
_cell.angle_gamma   90.00
#
_symmetry.space_group_name_H-M   'C 1 2 1'
#
loop_
_entity.id
_entity.type
_entity.pdbx_description
1 polymer 'Serum albumin'
2 non-polymer 'MYRISTIC ACID'
3 non-polymer '11-({[5-(dimethylamino)naphthalen-1-yl]sulfonyl}amino)undecanoic acid'
#
_entity_poly.entity_id   1
_entity_poly.type   'polypeptide(L)'
_entity_poly.pdbx_seq_one_letter_code
;DAHKSEVAHRFKDLGEENFKALVLIAFAQYLQQCPFEDHVKLVNEVTEFAKTCVADESAENCDKSLHTLFGDKLCTVATL
RETYGEMADCCAKQEPERNECFLQHKDDNPNLPRLVRPEVDVMCTAFHDNEETFLKKYLYEIARRHPYFYAPELLFFAKR
YKAAFTECCQAADKAACLLPKLDELRDEGKASSAKQRLKCASLQKFGERAFKAWAVARLSQRFPKAEFAEVSKLVTDLTK
VHTECCHGDLLECADDRADLAKYICENQDSISSKLKECCEKPLLEKSHCIAEVENDEMPADLPSLAADFVESKDVCKNYA
EAKDVFLGMFLYEYARRHPDYSVVLLLRLAKTYETTLEKCCAAADPHECYAKVFDEFKPLVEEPQNLIKQNCELFEQLGE
YKFQNALLVRYTKKVPQVSTPTLVEVSRNLGKVGSKCCKHPEAKRMPCAEDYLSVVLNQLCVLHEKTPVSDRVTKCCTES
LVNRRPCFSALEVDETYVPKEFNAETFTFHADICTLSEKERQIKKQTALVELVKHKPKATKEQLKAVMDDFAAFVEKCCK
ADDKETCFAEEGKKLVAASQAALGL
;
_entity_poly.pdbx_strand_id   A
#
loop_
_chem_comp.id
_chem_comp.type
_chem_comp.name
_chem_comp.formula
11D non-polymer '11-({[5-(dimethylamino)naphthalen-1-yl]sulfonyl}amino)undecanoic acid' 'C23 H34 N2 O4 S'
MYR non-polymer 'MYRISTIC ACID' 'C14 H28 O2'
#
# COMPACT_ATOMS: atom_id res chain seq x y z
N HIS A 3 25.08 23.25 -3.24
CA HIS A 3 26.33 22.47 -3.51
C HIS A 3 26.94 22.71 -4.88
N LYS A 4 28.27 22.77 -4.90
CA LYS A 4 29.04 23.01 -6.13
C LYS A 4 28.46 22.28 -7.34
N SER A 5 28.60 20.96 -7.31
CA SER A 5 28.12 20.08 -8.37
C SER A 5 27.18 19.10 -7.73
N GLU A 6 25.89 19.30 -7.91
CA GLU A 6 24.95 18.38 -7.29
C GLU A 6 25.14 16.92 -7.70
N VAL A 7 25.72 16.64 -8.86
CA VAL A 7 25.89 15.25 -9.20
C VAL A 7 27.12 14.68 -8.49
N ALA A 8 28.13 15.53 -8.30
CA ALA A 8 29.31 15.09 -7.57
C ALA A 8 28.74 14.73 -6.23
N HIS A 9 28.05 15.72 -5.65
CA HIS A 9 27.45 15.55 -4.33
C HIS A 9 26.71 14.25 -4.20
N ARG A 10 25.66 14.12 -5.02
CA ARG A 10 24.78 12.96 -5.02
C ARG A 10 25.52 11.68 -5.09
N PHE A 11 26.43 11.60 -6.05
CA PHE A 11 27.25 10.42 -6.23
C PHE A 11 27.98 10.09 -4.94
N LYS A 12 28.71 11.07 -4.40
CA LYS A 12 29.49 10.92 -3.17
C LYS A 12 28.67 10.57 -1.93
N ASP A 13 27.51 11.19 -1.78
CA ASP A 13 26.68 10.95 -0.61
C ASP A 13 25.61 9.90 -0.85
N LEU A 14 25.82 9.03 -1.82
CA LEU A 14 24.88 7.96 -2.15
C LEU A 14 25.69 6.70 -2.32
N GLY A 15 26.82 6.84 -2.97
CA GLY A 15 27.67 5.72 -3.26
C GLY A 15 27.57 5.45 -4.75
N GLU A 16 28.61 4.85 -5.32
CA GLU A 16 28.64 4.54 -6.74
C GLU A 16 27.45 3.66 -7.01
N GLU A 17 27.36 2.59 -6.24
CA GLU A 17 26.28 1.62 -6.33
C GLU A 17 24.91 2.29 -6.28
N ASN A 18 24.55 2.83 -5.12
CA ASN A 18 23.24 3.48 -4.96
C ASN A 18 22.91 4.47 -6.08
N PHE A 19 23.92 5.18 -6.57
CA PHE A 19 23.74 6.20 -7.58
C PHE A 19 23.45 5.57 -8.91
N LYS A 20 24.16 4.48 -9.21
CA LYS A 20 23.96 3.76 -10.46
C LYS A 20 22.55 3.24 -10.41
N ALA A 21 22.19 2.66 -9.26
CA ALA A 21 20.86 2.10 -9.11
C ALA A 21 19.76 3.12 -9.22
N LEU A 22 19.95 4.27 -8.58
CA LEU A 22 18.95 5.29 -8.59
C LEU A 22 18.79 5.94 -9.95
N VAL A 23 19.92 6.23 -10.59
CA VAL A 23 19.91 6.85 -11.91
C VAL A 23 19.22 5.86 -12.84
N LEU A 24 19.53 4.58 -12.68
CA LEU A 24 18.88 3.60 -13.51
C LEU A 24 17.39 3.71 -13.27
N ILE A 25 16.99 3.59 -12.00
CA ILE A 25 15.59 3.64 -11.62
C ILE A 25 14.98 4.89 -12.18
N ALA A 26 15.71 5.99 -12.04
CA ALA A 26 15.25 7.29 -12.48
C ALA A 26 14.95 7.28 -13.97
N PHE A 27 15.90 6.80 -14.77
CA PHE A 27 15.70 6.76 -16.20
C PHE A 27 14.68 5.70 -16.60
N ALA A 28 14.76 4.55 -15.94
CA ALA A 28 13.81 3.47 -16.17
C ALA A 28 12.40 4.02 -16.00
N GLN A 29 12.22 4.91 -15.03
CA GLN A 29 10.92 5.50 -14.72
C GLN A 29 10.31 6.50 -15.70
N TYR A 30 11.10 7.01 -16.63
CA TYR A 30 10.62 7.95 -17.66
C TYR A 30 10.74 7.21 -18.99
N LEU A 31 11.91 6.61 -19.21
CA LEU A 31 12.15 5.85 -20.40
C LEU A 31 11.69 4.43 -20.20
N GLN A 32 10.43 4.29 -19.81
CA GLN A 32 9.81 2.99 -19.56
C GLN A 32 9.71 2.06 -20.77
N GLN A 33 9.81 2.59 -22.00
CA GLN A 33 9.77 1.72 -23.17
C GLN A 33 11.18 1.54 -23.74
N CYS A 34 12.18 1.82 -22.93
CA CYS A 34 13.54 1.69 -23.43
C CYS A 34 14.19 0.44 -22.88
N PRO A 35 15.01 -0.23 -23.70
CA PRO A 35 15.73 -1.46 -23.35
C PRO A 35 16.60 -1.29 -22.12
N PHE A 36 16.91 -2.41 -21.48
CA PHE A 36 17.77 -2.41 -20.31
C PHE A 36 19.14 -1.86 -20.65
N GLU A 37 19.72 -2.39 -21.71
CA GLU A 37 21.04 -1.96 -22.12
C GLU A 37 21.13 -0.47 -22.48
N ASP A 38 20.05 0.16 -22.92
CA ASP A 38 20.11 1.58 -23.25
C ASP A 38 20.23 2.38 -21.97
N HIS A 39 19.44 1.99 -20.98
CA HIS A 39 19.50 2.62 -19.66
C HIS A 39 20.87 2.35 -19.08
N VAL A 40 21.31 1.09 -19.12
CA VAL A 40 22.60 0.75 -18.58
C VAL A 40 23.61 1.62 -19.27
N LYS A 41 23.37 1.90 -20.54
CA LYS A 41 24.31 2.72 -21.27
C LYS A 41 24.25 4.09 -20.63
N LEU A 42 23.04 4.60 -20.43
CA LEU A 42 22.89 5.93 -19.85
C LEU A 42 23.47 6.00 -18.47
N VAL A 43 23.15 5.02 -17.64
CA VAL A 43 23.68 4.95 -16.29
C VAL A 43 25.18 5.10 -16.39
N ASN A 44 25.82 4.16 -17.09
CA ASN A 44 27.26 4.20 -17.30
C ASN A 44 27.73 5.58 -17.79
N GLU A 45 26.98 6.16 -18.73
CA GLU A 45 27.32 7.46 -19.29
C GLU A 45 27.18 8.57 -18.27
N VAL A 46 26.16 8.45 -17.42
CA VAL A 46 25.88 9.38 -16.35
C VAL A 46 26.89 9.16 -15.22
N THR A 47 27.01 7.89 -14.81
CA THR A 47 27.91 7.51 -13.74
C THR A 47 29.34 7.96 -14.00
N GLU A 48 29.91 7.54 -15.12
CA GLU A 48 31.27 7.93 -15.42
C GLU A 48 31.35 9.44 -15.36
N PHE A 49 30.44 10.11 -16.08
CA PHE A 49 30.43 11.56 -16.03
C PHE A 49 30.47 12.07 -14.55
N ALA A 50 29.58 11.56 -13.72
CA ALA A 50 29.53 11.92 -12.30
C ALA A 50 30.89 11.72 -11.65
N LYS A 51 31.59 10.66 -12.04
CA LYS A 51 32.90 10.37 -11.48
C LYS A 51 33.92 11.45 -11.84
N THR A 52 33.66 12.19 -12.92
CA THR A 52 34.57 13.25 -13.38
C THR A 52 34.26 14.47 -12.56
N CYS A 53 33.01 14.53 -12.13
CA CYS A 53 32.45 15.61 -11.36
C CYS A 53 32.86 15.44 -9.96
N VAL A 54 33.23 14.21 -9.64
CA VAL A 54 33.68 13.85 -8.34
C VAL A 54 35.17 14.09 -8.40
N ALA A 55 35.82 13.53 -9.42
CA ALA A 55 37.26 13.72 -9.61
C ALA A 55 37.63 15.19 -9.47
N ASP A 56 36.79 16.03 -10.07
CA ASP A 56 36.97 17.48 -10.07
C ASP A 56 35.60 18.11 -10.16
N GLU A 57 35.16 18.73 -9.07
CA GLU A 57 33.83 19.33 -9.03
C GLU A 57 33.63 20.50 -10.02
N SER A 58 34.70 20.91 -10.70
CA SER A 58 34.59 22.01 -11.65
C SER A 58 34.59 21.55 -13.10
N ALA A 59 34.72 20.24 -13.32
CA ALA A 59 34.74 19.67 -14.68
C ALA A 59 33.50 20.10 -15.45
N GLU A 60 33.64 20.42 -16.73
CA GLU A 60 32.50 20.87 -17.53
C GLU A 60 31.22 20.09 -17.23
N ASN A 61 30.13 20.85 -17.20
CA ASN A 61 28.77 20.37 -16.95
C ASN A 61 28.46 19.79 -15.58
N CYS A 62 29.44 19.72 -14.69
CA CYS A 62 29.21 19.18 -13.37
C CYS A 62 28.38 20.13 -12.53
N ASP A 63 28.59 21.41 -12.78
CA ASP A 63 27.91 22.45 -12.04
C ASP A 63 26.41 22.42 -12.26
N LYS A 64 25.98 21.79 -13.35
CA LYS A 64 24.56 21.72 -13.72
C LYS A 64 23.59 21.02 -12.76
N SER A 65 22.35 21.50 -12.76
CA SER A 65 21.32 20.98 -11.89
C SER A 65 21.06 19.53 -12.22
N LEU A 66 20.89 18.74 -11.16
CA LEU A 66 20.63 17.32 -11.34
C LEU A 66 19.49 17.13 -12.33
N HIS A 67 18.55 18.07 -12.36
CA HIS A 67 17.43 18.00 -13.33
C HIS A 67 17.89 18.27 -14.74
N THR A 68 18.69 19.32 -14.91
CA THR A 68 19.21 19.71 -16.21
C THR A 68 19.98 18.58 -16.85
N LEU A 69 20.93 18.05 -16.10
CA LEU A 69 21.75 16.94 -16.54
C LEU A 69 20.82 15.84 -16.97
N PHE A 70 20.00 15.40 -16.02
CA PHE A 70 19.03 14.34 -16.20
C PHE A 70 18.17 14.59 -17.45
N GLY A 71 17.62 15.80 -17.56
CA GLY A 71 16.81 16.13 -18.71
C GLY A 71 17.64 16.06 -19.97
N ASP A 72 18.83 16.65 -19.93
CA ASP A 72 19.70 16.61 -21.10
C ASP A 72 19.91 15.15 -21.43
N LYS A 73 20.42 14.41 -20.46
CA LYS A 73 20.66 13.01 -20.66
C LYS A 73 19.44 12.34 -21.25
N LEU A 74 18.24 12.74 -20.81
CA LEU A 74 17.00 12.19 -21.35
C LEU A 74 16.86 12.62 -22.81
N CYS A 75 17.26 13.83 -23.11
CA CYS A 75 17.15 14.32 -24.48
C CYS A 75 18.29 13.86 -25.39
N THR A 76 19.17 13.01 -24.86
CA THR A 76 20.26 12.46 -25.66
C THR A 76 19.76 11.14 -26.20
N VAL A 77 18.72 10.55 -25.59
CA VAL A 77 18.23 9.28 -26.13
C VAL A 77 17.68 9.48 -27.53
N ALA A 78 18.34 8.83 -28.48
CA ALA A 78 18.02 8.94 -29.90
C ALA A 78 16.60 8.54 -30.29
N THR A 79 16.16 7.42 -29.75
CA THR A 79 14.82 6.88 -30.04
C THR A 79 13.74 7.67 -29.31
N LEU A 80 14.12 8.80 -28.73
CA LEU A 80 13.20 9.61 -27.94
C LEU A 80 11.93 10.18 -28.60
N ARG A 81 12.00 10.59 -29.86
CA ARG A 81 10.78 11.08 -30.51
C ARG A 81 9.99 9.91 -31.06
N GLU A 82 10.68 8.97 -31.65
CA GLU A 82 10.01 7.81 -32.21
C GLU A 82 9.34 6.99 -31.13
N THR A 83 10.04 6.73 -30.03
CA THR A 83 9.54 5.92 -28.92
C THR A 83 8.63 6.63 -27.94
N TYR A 84 9.03 7.81 -27.48
CA TYR A 84 8.23 8.52 -26.50
C TYR A 84 7.40 9.66 -27.09
N GLY A 85 7.44 9.78 -28.41
CA GLY A 85 6.68 10.78 -29.11
C GLY A 85 6.73 12.18 -28.51
N GLU A 86 5.58 12.65 -28.04
CA GLU A 86 5.49 14.00 -27.49
C GLU A 86 6.32 14.21 -26.23
N MET A 87 6.74 13.10 -25.61
CA MET A 87 7.60 13.19 -24.43
C MET A 87 8.85 13.89 -24.89
N ALA A 88 9.22 13.59 -26.13
CA ALA A 88 10.39 14.18 -26.77
C ALA A 88 10.25 15.69 -26.95
N ASP A 89 9.01 16.19 -27.00
CA ASP A 89 8.79 17.63 -27.19
C ASP A 89 9.23 18.38 -25.96
N CYS A 90 9.38 17.64 -24.86
CA CYS A 90 9.79 18.23 -23.60
C CYS A 90 11.19 18.80 -23.79
N CYS A 91 11.96 18.10 -24.60
CA CYS A 91 13.33 18.46 -24.92
C CYS A 91 13.53 19.84 -25.49
N ALA A 92 12.48 20.41 -26.06
CA ALA A 92 12.52 21.75 -26.63
C ALA A 92 12.24 22.80 -25.56
N LYS A 93 11.64 22.39 -24.45
CA LYS A 93 11.32 23.30 -23.36
C LYS A 93 12.55 23.55 -22.41
N GLN A 94 12.64 24.78 -21.87
CA GLN A 94 13.74 25.14 -20.97
C GLN A 94 13.49 24.40 -19.65
N GLU A 95 14.57 23.95 -19.00
CA GLU A 95 14.44 23.10 -17.81
C GLU A 95 13.27 23.18 -16.85
N PRO A 96 13.03 24.34 -16.20
CA PRO A 96 11.86 24.25 -15.30
C PRO A 96 10.68 23.51 -15.94
N GLU A 97 10.34 23.87 -17.18
CA GLU A 97 9.25 23.24 -17.91
C GLU A 97 9.65 21.87 -18.43
N ARG A 98 10.87 21.76 -18.94
CA ARG A 98 11.32 20.49 -19.48
C ARG A 98 11.07 19.33 -18.54
N ASN A 99 11.47 19.49 -17.28
CA ASN A 99 11.27 18.40 -16.34
C ASN A 99 9.80 18.19 -16.03
N GLU A 100 9.08 19.29 -15.77
CA GLU A 100 7.66 19.17 -15.47
C GLU A 100 6.95 18.51 -16.65
N CYS A 101 7.54 18.67 -17.83
CA CYS A 101 6.96 18.06 -19.01
C CYS A 101 7.28 16.58 -18.97
N PHE A 102 8.47 16.22 -18.50
CA PHE A 102 8.80 14.82 -18.44
C PHE A 102 8.00 14.15 -17.37
N LEU A 103 7.65 14.88 -16.32
CA LEU A 103 6.80 14.30 -15.30
C LEU A 103 5.50 13.93 -15.97
N GLN A 104 4.84 14.91 -16.58
CA GLN A 104 3.58 14.67 -17.31
C GLN A 104 3.59 13.38 -18.09
N HIS A 105 4.65 13.19 -18.86
CA HIS A 105 4.79 12.04 -19.73
C HIS A 105 5.33 10.76 -19.07
N LYS A 106 5.19 10.67 -17.75
CA LYS A 106 5.55 9.45 -17.06
C LYS A 106 4.22 8.76 -17.12
N ASP A 107 4.20 7.44 -17.19
CA ASP A 107 2.93 6.73 -17.29
C ASP A 107 2.71 5.64 -16.25
N ASP A 108 1.82 5.91 -15.29
CA ASP A 108 1.51 4.97 -14.21
C ASP A 108 1.06 3.59 -14.68
N ASN A 109 0.10 3.54 -15.61
CA ASN A 109 -0.29 2.25 -16.17
C ASN A 109 0.46 2.35 -17.49
N PRO A 110 1.75 2.00 -17.49
CA PRO A 110 2.57 2.08 -18.69
C PRO A 110 2.35 0.99 -19.74
N ASN A 111 1.69 -0.09 -19.36
CA ASN A 111 1.39 -1.21 -20.26
C ASN A 111 2.66 -2.02 -20.60
N LEU A 112 3.05 -2.89 -19.68
CA LEU A 112 4.22 -3.72 -19.85
C LEU A 112 3.88 -5.17 -19.65
N PRO A 113 4.71 -6.07 -20.18
CA PRO A 113 4.37 -7.47 -19.96
C PRO A 113 4.40 -7.66 -18.46
N ARG A 114 3.53 -8.50 -17.93
CA ARG A 114 3.57 -8.80 -16.50
C ARG A 114 4.94 -9.40 -16.34
N LEU A 115 5.63 -9.06 -15.26
CA LEU A 115 6.93 -9.67 -15.03
C LEU A 115 6.61 -11.05 -14.53
N VAL A 116 7.14 -12.06 -15.20
CA VAL A 116 6.88 -13.44 -14.85
C VAL A 116 8.05 -14.04 -14.08
N ARG A 117 7.84 -14.32 -12.79
CA ARG A 117 8.90 -14.90 -11.97
C ARG A 117 9.47 -16.16 -12.60
N PRO A 118 10.75 -16.11 -13.01
CA PRO A 118 11.42 -17.26 -13.64
C PRO A 118 11.61 -18.36 -12.64
N GLU A 119 12.08 -19.51 -13.09
CA GLU A 119 12.34 -20.57 -12.14
C GLU A 119 13.51 -20.16 -11.26
N VAL A 120 13.43 -20.50 -9.98
CA VAL A 120 14.47 -20.22 -9.02
C VAL A 120 15.88 -20.41 -9.58
N ASP A 121 16.17 -21.64 -10.01
CA ASP A 121 17.48 -22.01 -10.56
C ASP A 121 17.93 -21.00 -11.60
N VAL A 122 17.05 -20.71 -12.56
CA VAL A 122 17.29 -19.75 -13.63
C VAL A 122 17.66 -18.43 -12.97
N MET A 123 16.81 -18.00 -12.05
CA MET A 123 17.05 -16.77 -11.33
C MET A 123 18.33 -16.87 -10.54
N CYS A 124 18.41 -17.86 -9.67
CA CYS A 124 19.58 -18.06 -8.84
C CYS A 124 20.84 -18.14 -9.64
N THR A 125 20.78 -18.71 -10.84
CA THR A 125 21.99 -18.77 -11.66
C THR A 125 22.28 -17.39 -12.28
N ALA A 126 21.28 -16.75 -12.87
CA ALA A 126 21.45 -15.43 -13.47
C ALA A 126 21.94 -14.50 -12.38
N PHE A 127 21.39 -14.71 -11.19
CA PHE A 127 21.81 -13.92 -10.06
C PHE A 127 23.29 -14.19 -9.87
N HIS A 128 23.64 -15.39 -9.44
CA HIS A 128 25.04 -15.71 -9.20
C HIS A 128 26.01 -15.21 -10.27
N ASP A 129 25.70 -15.49 -11.53
CA ASP A 129 26.60 -15.09 -12.60
C ASP A 129 26.80 -13.60 -12.60
N ASN A 130 25.72 -12.88 -12.88
CA ASN A 130 25.78 -11.44 -12.95
C ASN A 130 24.79 -10.84 -11.99
N GLU A 131 25.11 -10.91 -10.70
CA GLU A 131 24.21 -10.35 -9.69
C GLU A 131 23.94 -8.90 -10.06
N GLU A 132 25.00 -8.13 -10.24
CA GLU A 132 24.87 -6.73 -10.59
C GLU A 132 23.83 -6.53 -11.71
N THR A 133 23.97 -7.30 -12.78
CA THR A 133 23.03 -7.21 -13.89
C THR A 133 21.66 -7.68 -13.43
N PHE A 134 21.66 -8.72 -12.62
CA PHE A 134 20.43 -9.30 -12.13
C PHE A 134 19.66 -8.21 -11.39
N LEU A 135 20.25 -7.74 -10.30
CA LEU A 135 19.67 -6.67 -9.51
C LEU A 135 19.21 -5.48 -10.35
N LYS A 136 20.07 -5.01 -11.25
CA LYS A 136 19.71 -3.86 -12.04
C LYS A 136 18.64 -4.16 -13.09
N LYS A 137 18.78 -5.27 -13.79
CA LYS A 137 17.81 -5.64 -14.82
C LYS A 137 16.42 -5.68 -14.22
N TYR A 138 16.28 -6.24 -13.03
CA TYR A 138 14.95 -6.28 -12.46
C TYR A 138 14.63 -4.91 -11.86
N LEU A 139 15.62 -4.29 -11.26
CA LEU A 139 15.46 -2.93 -10.76
C LEU A 139 14.80 -2.14 -11.90
N TYR A 140 15.41 -2.24 -13.06
CA TYR A 140 14.94 -1.62 -14.30
C TYR A 140 13.47 -1.92 -14.58
N GLU A 141 13.14 -3.21 -14.67
CA GLU A 141 11.78 -3.66 -14.93
C GLU A 141 10.78 -3.11 -13.92
N ILE A 142 11.13 -3.16 -12.65
CA ILE A 142 10.20 -2.67 -11.64
C ILE A 142 10.07 -1.17 -11.69
N ALA A 143 11.17 -0.47 -11.97
CA ALA A 143 11.12 0.98 -12.02
C ALA A 143 10.26 1.44 -13.18
N ARG A 144 10.52 0.92 -14.37
CA ARG A 144 9.72 1.35 -15.51
C ARG A 144 8.27 0.93 -15.37
N ARG A 145 8.01 -0.16 -14.65
CA ARG A 145 6.64 -0.59 -14.44
C ARG A 145 6.04 0.34 -13.42
N HIS A 146 6.90 0.78 -12.49
CA HIS A 146 6.45 1.72 -11.48
C HIS A 146 7.13 3.08 -11.55
N PRO A 147 6.67 3.91 -12.50
CA PRO A 147 7.23 5.24 -12.56
C PRO A 147 6.57 5.77 -11.29
N TYR A 148 6.96 6.94 -10.84
CA TYR A 148 6.32 7.45 -9.61
C TYR A 148 6.70 6.68 -8.35
N PHE A 149 6.87 5.36 -8.44
CA PHE A 149 7.29 4.60 -7.26
C PHE A 149 8.63 5.15 -6.84
N TYR A 150 8.69 5.69 -5.63
CA TYR A 150 9.88 6.32 -5.07
C TYR A 150 11.16 5.49 -5.19
N ALA A 151 12.06 5.99 -6.02
CA ALA A 151 13.32 5.34 -6.31
C ALA A 151 14.07 4.68 -5.16
N PRO A 152 14.51 5.45 -4.15
CA PRO A 152 15.26 4.79 -3.08
C PRO A 152 14.60 3.57 -2.49
N GLU A 153 13.31 3.68 -2.21
CA GLU A 153 12.53 2.59 -1.65
C GLU A 153 12.66 1.35 -2.55
N LEU A 154 12.49 1.57 -3.85
CA LEU A 154 12.60 0.55 -4.87
C LEU A 154 13.92 -0.09 -4.70
N LEU A 155 14.90 0.74 -4.38
CA LEU A 155 16.27 0.35 -4.15
C LEU A 155 16.31 -0.57 -2.92
N PHE A 156 15.54 -0.20 -1.92
CA PHE A 156 15.53 -0.94 -0.68
C PHE A 156 14.91 -2.31 -0.87
N PHE A 157 14.00 -2.40 -1.82
CA PHE A 157 13.36 -3.66 -2.17
C PHE A 157 14.39 -4.43 -2.94
N ALA A 158 15.16 -3.67 -3.72
CA ALA A 158 16.20 -4.20 -4.59
C ALA A 158 17.15 -4.99 -3.75
N LYS A 159 17.75 -4.30 -2.78
CA LYS A 159 18.70 -4.90 -1.86
C LYS A 159 18.07 -6.01 -1.05
N ARG A 160 16.77 -5.89 -0.77
CA ARG A 160 16.08 -6.96 -0.06
C ARG A 160 15.96 -8.13 -1.03
N TYR A 161 15.77 -7.84 -2.31
CA TYR A 161 15.70 -8.90 -3.30
C TYR A 161 17.06 -9.58 -3.35
N LYS A 162 18.11 -8.78 -3.25
CA LYS A 162 19.47 -9.28 -3.22
C LYS A 162 19.66 -10.10 -1.96
N ALA A 163 19.08 -9.64 -0.87
CA ALA A 163 19.20 -10.33 0.40
C ALA A 163 18.54 -11.69 0.31
N ALA A 164 17.50 -11.77 -0.52
CA ALA A 164 16.75 -13.01 -0.66
C ALA A 164 17.46 -13.96 -1.60
N PHE A 165 18.19 -13.41 -2.56
CA PHE A 165 18.90 -14.28 -3.48
C PHE A 165 20.18 -14.77 -2.83
N THR A 166 21.01 -13.86 -2.33
CA THR A 166 22.23 -14.25 -1.61
C THR A 166 21.89 -15.30 -0.57
N GLU A 167 20.76 -15.09 0.11
CA GLU A 167 20.35 -16.01 1.15
C GLU A 167 19.88 -17.35 0.61
N CYS A 168 18.93 -17.31 -0.31
CA CYS A 168 18.34 -18.53 -0.86
C CYS A 168 19.13 -19.28 -1.94
N CYS A 169 19.95 -18.58 -2.71
CA CYS A 169 20.69 -19.26 -3.78
C CYS A 169 21.84 -20.12 -3.27
N GLN A 170 21.88 -20.35 -1.97
CA GLN A 170 22.91 -21.18 -1.34
C GLN A 170 22.27 -21.92 -0.17
N ALA A 171 21.05 -22.36 -0.40
CA ALA A 171 20.29 -23.09 0.59
C ALA A 171 19.83 -24.39 -0.02
N ALA A 172 19.57 -25.37 0.85
CA ALA A 172 19.13 -26.70 0.45
C ALA A 172 17.99 -26.54 -0.56
N ASP A 173 16.87 -25.98 -0.13
CA ASP A 173 15.79 -25.80 -1.07
C ASP A 173 15.61 -24.34 -1.45
N LYS A 174 16.25 -23.95 -2.56
CA LYS A 174 16.19 -22.59 -3.07
C LYS A 174 14.77 -22.05 -3.15
N ALA A 175 13.89 -22.79 -3.82
CA ALA A 175 12.52 -22.37 -3.98
C ALA A 175 11.79 -22.28 -2.64
N ALA A 176 12.01 -23.27 -1.78
CA ALA A 176 11.37 -23.31 -0.47
C ALA A 176 11.79 -22.11 0.36
N CYS A 177 12.92 -21.54 -0.02
CA CYS A 177 13.47 -20.39 0.67
C CYS A 177 13.04 -19.10 -0.03
N LEU A 178 13.37 -19.00 -1.32
CA LEU A 178 13.06 -17.82 -2.13
C LEU A 178 11.61 -17.49 -2.33
N LEU A 179 10.88 -18.42 -2.94
CA LEU A 179 9.47 -18.18 -3.22
C LEU A 179 8.83 -17.45 -2.05
N PRO A 180 8.76 -18.06 -0.86
CA PRO A 180 8.14 -17.30 0.23
C PRO A 180 8.69 -15.89 0.31
N LYS A 181 10.00 -15.75 0.18
CA LYS A 181 10.64 -14.43 0.24
C LYS A 181 10.32 -13.48 -0.91
N LEU A 182 10.37 -13.98 -2.14
CA LEU A 182 10.02 -13.14 -3.29
C LEU A 182 8.53 -12.82 -3.19
N ASP A 183 7.75 -13.76 -2.67
CA ASP A 183 6.33 -13.53 -2.47
C ASP A 183 6.13 -12.44 -1.42
N GLU A 184 6.95 -12.46 -0.34
CA GLU A 184 6.91 -11.43 0.69
C GLU A 184 7.15 -10.09 -0.01
N LEU A 185 8.29 -10.02 -0.71
CA LEU A 185 8.69 -8.83 -1.44
C LEU A 185 7.66 -8.47 -2.52
N ARG A 186 7.22 -9.45 -3.29
CA ARG A 186 6.20 -9.20 -4.30
C ARG A 186 5.06 -8.48 -3.59
N ASP A 187 4.54 -9.08 -2.53
CA ASP A 187 3.45 -8.47 -1.79
C ASP A 187 3.79 -7.05 -1.37
N GLU A 188 4.74 -6.91 -0.44
CA GLU A 188 5.15 -5.60 0.06
C GLU A 188 5.49 -4.61 -1.03
N GLY A 189 5.87 -5.12 -2.20
CA GLY A 189 6.22 -4.25 -3.31
C GLY A 189 4.93 -3.68 -3.86
N LYS A 190 3.91 -4.52 -3.83
CA LYS A 190 2.61 -4.15 -4.29
C LYS A 190 1.94 -3.28 -3.23
N ALA A 191 1.92 -3.72 -1.99
CA ALA A 191 1.30 -2.91 -0.93
C ALA A 191 1.95 -1.55 -0.99
N SER A 192 3.28 -1.53 -1.10
CA SER A 192 3.99 -0.26 -1.16
C SER A 192 3.62 0.54 -2.39
N SER A 193 3.47 -0.14 -3.52
CA SER A 193 3.11 0.58 -4.72
C SER A 193 1.66 1.02 -4.57
N ALA A 194 0.83 0.11 -4.10
CA ALA A 194 -0.57 0.40 -3.86
C ALA A 194 -0.63 1.53 -2.86
N LYS A 195 0.18 1.44 -1.82
CA LYS A 195 0.23 2.47 -0.79
C LYS A 195 0.56 3.85 -1.34
N GLN A 196 1.53 3.93 -2.27
CA GLN A 196 1.92 5.22 -2.85
C GLN A 196 0.81 5.70 -3.77
N ARG A 197 0.32 4.79 -4.61
CA ARG A 197 -0.79 5.05 -5.51
C ARG A 197 -1.75 5.83 -4.63
N LEU A 198 -2.26 5.14 -3.60
CA LEU A 198 -3.22 5.70 -2.67
C LEU A 198 -2.79 7.03 -2.10
N LYS A 199 -1.71 7.01 -1.34
CA LYS A 199 -1.22 8.22 -0.70
C LYS A 199 -1.30 9.46 -1.59
N CYS A 200 -1.09 9.30 -2.90
CA CYS A 200 -1.20 10.46 -3.80
C CYS A 200 -2.64 10.77 -4.16
N ALA A 201 -3.46 9.73 -4.30
CA ALA A 201 -4.86 9.89 -4.60
C ALA A 201 -5.52 10.50 -3.36
N SER A 202 -5.16 9.94 -2.22
CA SER A 202 -5.62 10.38 -0.90
C SER A 202 -5.56 11.91 -0.81
N LEU A 203 -4.36 12.47 -0.96
CA LEU A 203 -4.19 13.90 -0.89
C LEU A 203 -5.13 14.67 -1.80
N GLN A 204 -5.27 14.22 -3.06
CA GLN A 204 -6.12 14.94 -4.01
C GLN A 204 -7.63 14.84 -3.84
N LYS A 205 -8.20 13.65 -3.80
CA LYS A 205 -9.65 13.53 -3.65
C LYS A 205 -10.16 13.85 -2.24
N PHE A 206 -9.54 13.23 -1.24
CA PHE A 206 -9.95 13.41 0.15
C PHE A 206 -9.55 14.73 0.79
N GLY A 207 -8.54 15.38 0.23
CA GLY A 207 -8.14 16.67 0.74
C GLY A 207 -6.91 16.75 1.62
N GLU A 208 -6.24 17.89 1.47
CA GLU A 208 -5.06 18.26 2.24
C GLU A 208 -5.40 18.15 3.72
N ARG A 209 -6.62 18.55 4.05
CA ARG A 209 -7.10 18.48 5.42
C ARG A 209 -7.04 17.04 5.86
N ALA A 210 -7.86 16.22 5.19
CA ALA A 210 -7.94 14.80 5.48
C ALA A 210 -6.55 14.18 5.64
N PHE A 211 -5.61 14.62 4.79
CA PHE A 211 -4.26 14.09 4.81
C PHE A 211 -3.56 14.54 6.06
N LYS A 212 -3.63 15.83 6.33
CA LYS A 212 -3.01 16.38 7.52
C LYS A 212 -3.58 15.68 8.74
N ALA A 213 -4.88 15.42 8.73
CA ALA A 213 -5.50 14.75 9.87
C ALA A 213 -4.91 13.37 9.98
N TRP A 214 -5.01 12.62 8.90
CA TRP A 214 -4.46 11.30 8.86
C TRP A 214 -3.05 11.36 9.38
N ALA A 215 -2.26 12.28 8.84
CA ALA A 215 -0.87 12.44 9.20
C ALA A 215 -0.66 12.72 10.69
N VAL A 216 -1.40 13.69 11.20
CA VAL A 216 -1.27 14.02 12.60
C VAL A 216 -1.50 12.77 13.45
N ALA A 217 -2.59 12.07 13.18
CA ALA A 217 -2.90 10.86 13.93
C ALA A 217 -1.73 9.90 13.85
N ARG A 218 -1.32 9.59 12.63
CA ARG A 218 -0.20 8.70 12.45
C ARG A 218 0.99 9.19 13.25
N LEU A 219 1.44 10.39 12.94
CA LEU A 219 2.59 10.97 13.60
C LEU A 219 2.53 10.86 15.12
N SER A 220 1.36 11.13 15.67
CA SER A 220 1.19 11.12 17.11
C SER A 220 1.18 9.72 17.69
N GLN A 221 0.77 8.73 16.90
CA GLN A 221 0.77 7.35 17.37
C GLN A 221 2.21 6.92 17.35
N ARG A 222 2.89 7.28 16.27
CA ARG A 222 4.28 6.91 16.11
C ARG A 222 5.21 7.70 17.04
N PHE A 223 4.84 8.93 17.36
CA PHE A 223 5.66 9.74 18.25
C PHE A 223 4.87 10.26 19.45
N PRO A 224 4.26 9.36 20.24
CA PRO A 224 3.52 9.85 21.38
C PRO A 224 4.20 10.97 22.16
N LYS A 225 5.42 10.72 22.67
CA LYS A 225 6.14 11.71 23.47
C LYS A 225 6.53 13.01 22.76
N ALA A 226 6.12 13.16 21.50
CA ALA A 226 6.44 14.38 20.76
C ALA A 226 5.33 15.35 21.08
N GLU A 227 5.65 16.62 21.30
CA GLU A 227 4.59 17.56 21.61
C GLU A 227 3.81 17.92 20.35
N PHE A 228 2.56 18.31 20.51
CA PHE A 228 1.73 18.64 19.37
C PHE A 228 2.33 19.63 18.37
N ALA A 229 3.00 20.67 18.87
CA ALA A 229 3.60 21.65 17.97
C ALA A 229 4.60 20.93 17.06
N GLU A 230 5.30 19.97 17.65
CA GLU A 230 6.28 19.16 16.93
C GLU A 230 5.60 18.26 15.92
N VAL A 231 4.58 17.55 16.35
CA VAL A 231 3.87 16.66 15.45
C VAL A 231 3.37 17.51 14.31
N SER A 232 2.77 18.63 14.63
CA SER A 232 2.23 19.47 13.58
C SER A 232 3.32 19.96 12.66
N LYS A 233 4.48 20.33 13.21
CA LYS A 233 5.54 20.79 12.33
C LYS A 233 5.71 19.68 11.31
N LEU A 234 5.96 18.47 11.83
CA LEU A 234 6.15 17.28 11.01
C LEU A 234 5.05 17.01 10.00
N VAL A 235 3.79 17.29 10.32
CA VAL A 235 2.74 17.02 9.34
C VAL A 235 2.73 18.10 8.26
N THR A 236 3.04 19.32 8.66
CA THR A 236 3.12 20.41 7.69
C THR A 236 4.21 20.06 6.69
N ASP A 237 5.38 19.69 7.19
CA ASP A 237 6.47 19.35 6.31
C ASP A 237 6.21 18.05 5.58
N LEU A 238 5.72 17.03 6.30
CA LEU A 238 5.42 15.76 5.67
C LEU A 238 4.40 15.96 4.56
N THR A 239 3.39 16.79 4.80
CA THR A 239 2.37 17.01 3.79
C THR A 239 3.06 17.64 2.61
N LYS A 240 4.03 18.51 2.86
CA LYS A 240 4.75 19.09 1.75
C LYS A 240 5.52 18.02 0.97
N VAL A 241 6.48 17.37 1.62
CA VAL A 241 7.27 16.33 0.96
C VAL A 241 6.36 15.39 0.22
N HIS A 242 5.22 15.05 0.84
CA HIS A 242 4.26 14.15 0.25
C HIS A 242 3.72 14.72 -1.03
N THR A 243 3.38 16.01 -0.99
CA THR A 243 2.81 16.68 -2.15
C THR A 243 3.78 16.59 -3.31
N GLU A 244 5.06 16.85 -3.03
CA GLU A 244 6.08 16.84 -4.06
C GLU A 244 6.36 15.45 -4.61
N CYS A 245 6.31 14.44 -3.75
CA CYS A 245 6.58 13.08 -4.20
C CYS A 245 5.44 12.58 -5.06
N CYS A 246 4.27 13.12 -4.82
CA CYS A 246 3.09 12.77 -5.61
C CYS A 246 3.24 13.52 -6.90
N HIS A 247 3.50 14.82 -6.80
CA HIS A 247 3.76 15.72 -7.91
C HIS A 247 4.70 14.95 -8.83
N GLY A 248 5.30 13.89 -8.28
CA GLY A 248 6.14 12.97 -9.02
C GLY A 248 7.63 13.14 -9.22
N ASP A 249 8.16 14.36 -9.12
CA ASP A 249 9.58 14.58 -9.36
C ASP A 249 10.45 13.91 -8.29
N LEU A 250 11.17 12.86 -8.68
CA LEU A 250 12.04 12.13 -7.79
C LEU A 250 12.97 13.05 -7.02
N LEU A 251 13.87 13.75 -7.71
CA LEU A 251 14.85 14.61 -7.03
C LEU A 251 14.27 15.53 -5.96
N GLU A 252 13.35 16.41 -6.32
CA GLU A 252 12.77 17.34 -5.35
C GLU A 252 12.29 16.50 -4.18
N CYS A 253 11.43 15.54 -4.49
CA CYS A 253 10.86 14.62 -3.51
C CYS A 253 11.92 14.02 -2.59
N ALA A 254 12.95 13.48 -3.19
CA ALA A 254 14.04 12.84 -2.47
C ALA A 254 14.69 13.83 -1.51
N ASP A 255 14.90 15.05 -1.99
CA ASP A 255 15.51 16.10 -1.18
C ASP A 255 14.60 16.40 -0.02
N ASP A 256 13.35 16.68 -0.36
CA ASP A 256 12.37 16.98 0.65
C ASP A 256 12.38 15.96 1.76
N ARG A 257 12.39 14.68 1.40
CA ARG A 257 12.41 13.62 2.38
C ARG A 257 13.75 13.54 3.10
N ALA A 258 14.80 13.95 2.41
CA ALA A 258 16.12 13.97 3.01
C ALA A 258 16.09 15.05 4.08
N ASP A 259 15.62 16.22 3.69
CA ASP A 259 15.53 17.38 4.57
C ASP A 259 14.84 16.94 5.83
N LEU A 260 13.57 16.57 5.65
CA LEU A 260 12.73 16.12 6.74
C LEU A 260 13.47 15.08 7.60
N ALA A 261 14.03 14.05 6.98
CA ALA A 261 14.71 13.04 7.74
C ALA A 261 15.84 13.67 8.57
N LYS A 262 16.53 14.65 7.98
CA LYS A 262 17.62 15.30 8.68
C LYS A 262 16.99 16.12 9.79
N TYR A 263 15.96 16.88 9.46
CA TYR A 263 15.26 17.64 10.48
C TYR A 263 14.92 16.73 11.65
N ILE A 264 14.37 15.56 11.31
CA ILE A 264 13.93 14.58 12.29
C ILE A 264 15.06 13.90 13.06
N CYS A 265 16.27 13.97 12.52
CA CYS A 265 17.38 13.31 13.19
C CYS A 265 18.09 14.29 14.10
N GLU A 266 18.00 15.56 13.74
CA GLU A 266 18.61 16.61 14.52
C GLU A 266 17.60 17.02 15.58
N ASN A 267 16.53 16.25 15.70
CA ASN A 267 15.46 16.54 16.66
C ASN A 267 14.89 15.28 17.30
N GLN A 268 15.65 14.20 17.29
CA GLN A 268 15.19 12.93 17.85
C GLN A 268 14.69 13.05 19.29
N ASP A 269 15.37 13.87 20.08
CA ASP A 269 14.95 14.11 21.45
C ASP A 269 13.54 14.73 21.48
N SER A 270 13.27 15.66 20.56
CA SER A 270 11.96 16.30 20.46
C SER A 270 10.92 15.39 19.83
N ILE A 271 11.37 14.30 19.21
CA ILE A 271 10.47 13.44 18.48
C ILE A 271 10.23 12.03 18.96
N SER A 272 11.29 11.23 18.92
CA SER A 272 11.15 9.82 19.23
C SER A 272 12.48 9.25 19.67
N SER A 273 12.44 8.30 20.59
CA SER A 273 13.67 7.69 21.06
C SER A 273 13.97 6.44 20.25
N LYS A 274 13.05 6.08 19.36
CA LYS A 274 13.21 4.88 18.53
C LYS A 274 13.97 5.14 17.21
N LEU A 275 14.35 6.39 16.99
CA LEU A 275 15.02 6.82 15.76
C LEU A 275 16.53 6.69 15.71
N LYS A 276 17.16 6.50 16.86
CA LYS A 276 18.62 6.34 16.92
C LYS A 276 19.04 5.45 15.75
N GLU A 277 18.37 4.31 15.63
CA GLU A 277 18.61 3.33 14.58
C GLU A 277 18.46 4.00 13.23
N CYS A 278 17.29 4.56 12.98
CA CYS A 278 16.96 5.20 11.72
C CYS A 278 17.81 6.40 11.32
N CYS A 279 18.48 7.02 12.28
CA CYS A 279 19.27 8.21 11.99
C CYS A 279 20.74 7.99 11.78
N GLU A 280 21.22 6.81 12.18
CA GLU A 280 22.61 6.44 12.00
C GLU A 280 22.80 6.04 10.53
N LYS A 281 21.68 5.89 9.82
CA LYS A 281 21.67 5.48 8.42
C LYS A 281 21.97 6.58 7.39
N PRO A 282 22.34 6.17 6.17
CA PRO A 282 22.66 7.14 5.10
C PRO A 282 21.46 7.87 4.50
N LEU A 283 21.69 9.10 4.07
CA LEU A 283 20.65 9.96 3.49
C LEU A 283 19.59 9.11 2.80
N LEU A 284 20.07 8.17 1.99
CA LEU A 284 19.25 7.24 1.23
C LEU A 284 18.18 6.49 2.05
N GLU A 285 18.66 5.74 3.03
CA GLU A 285 17.82 4.92 3.90
C GLU A 285 17.06 5.68 4.98
N LYS A 286 17.51 6.89 5.29
CA LYS A 286 16.96 7.74 6.35
C LYS A 286 15.44 7.84 6.41
N SER A 287 14.90 8.73 5.59
CA SER A 287 13.46 8.97 5.57
C SER A 287 12.66 7.67 5.51
N HIS A 288 13.09 6.73 4.67
CA HIS A 288 12.36 5.47 4.58
C HIS A 288 12.42 4.70 5.87
N CYS A 289 13.58 4.68 6.54
CA CYS A 289 13.69 3.99 7.82
C CYS A 289 12.72 4.72 8.75
N ILE A 290 12.88 6.03 8.84
CA ILE A 290 12.02 6.83 9.69
C ILE A 290 10.54 6.50 9.44
N ALA A 291 10.12 6.62 8.18
CA ALA A 291 8.74 6.32 7.78
C ALA A 291 8.27 5.02 8.40
N GLU A 292 9.11 3.99 8.26
CA GLU A 292 8.82 2.66 8.79
C GLU A 292 9.00 2.51 10.30
N VAL A 293 9.67 3.45 10.96
CA VAL A 293 9.90 3.31 12.40
C VAL A 293 8.65 2.94 13.21
N GLU A 294 8.84 2.19 14.30
CA GLU A 294 7.72 1.77 15.11
C GLU A 294 7.36 2.83 16.13
N ASN A 295 6.15 2.75 16.66
CA ASN A 295 5.68 3.70 17.64
C ASN A 295 6.59 3.75 18.83
N ASP A 296 6.84 4.96 19.30
CA ASP A 296 7.64 5.13 20.49
C ASP A 296 6.67 4.80 21.63
N GLU A 297 7.21 4.53 22.81
CA GLU A 297 6.40 4.22 23.97
C GLU A 297 5.63 5.48 24.33
N MET A 298 4.36 5.38 24.67
CA MET A 298 3.67 6.61 25.05
C MET A 298 4.12 7.02 26.44
N PRO A 299 3.93 8.29 26.81
CA PRO A 299 4.34 8.76 28.13
C PRO A 299 3.64 7.99 29.23
N ALA A 300 4.35 7.79 30.34
CA ALA A 300 3.79 7.08 31.48
C ALA A 300 2.56 7.83 31.98
N ASP A 301 1.50 7.05 32.23
CA ASP A 301 0.20 7.53 32.72
C ASP A 301 -0.23 8.94 32.31
N LEU A 302 -0.79 9.00 31.10
CA LEU A 302 -1.31 10.23 30.52
C LEU A 302 -2.71 10.44 31.02
N PRO A 303 -3.18 11.69 30.97
CA PRO A 303 -4.53 12.01 31.42
C PRO A 303 -5.53 11.64 30.34
N SER A 304 -6.81 11.65 30.71
CA SER A 304 -7.87 11.41 29.76
C SER A 304 -7.90 12.66 28.92
N LEU A 305 -8.70 12.64 27.88
CA LEU A 305 -8.85 13.81 27.02
C LEU A 305 -10.04 14.57 27.57
N ALA A 306 -10.58 14.07 28.67
CA ALA A 306 -11.73 14.68 29.31
C ALA A 306 -11.40 16.07 29.80
N ALA A 307 -10.21 16.22 30.36
CA ALA A 307 -9.77 17.51 30.87
C ALA A 307 -9.77 18.54 29.75
N ASP A 308 -8.95 18.34 28.73
CA ASP A 308 -8.87 19.31 27.65
C ASP A 308 -10.06 19.35 26.68
N PHE A 309 -10.76 18.24 26.52
CA PHE A 309 -11.83 18.21 25.55
C PHE A 309 -13.26 18.13 26.05
N VAL A 310 -13.45 17.98 27.36
CA VAL A 310 -14.81 17.98 27.92
C VAL A 310 -14.87 18.94 29.10
N GLU A 311 -14.08 18.65 30.12
CA GLU A 311 -14.06 19.42 31.35
C GLU A 311 -13.54 20.86 31.22
N SER A 312 -12.40 21.04 30.57
CA SER A 312 -11.86 22.38 30.41
C SER A 312 -13.00 23.32 30.16
N LYS A 313 -12.88 24.48 30.77
CA LYS A 313 -13.84 25.55 30.64
C LYS A 313 -13.91 25.88 29.15
N ASP A 314 -12.72 26.14 28.59
CA ASP A 314 -12.57 26.59 27.20
C ASP A 314 -12.46 25.61 26.03
N VAL A 315 -13.17 24.49 26.11
CA VAL A 315 -13.19 23.51 25.06
C VAL A 315 -13.68 24.25 23.82
N CYS A 316 -14.87 24.81 23.94
CA CYS A 316 -15.51 25.53 22.87
C CYS A 316 -14.74 26.74 22.40
N LYS A 317 -14.18 27.49 23.33
CA LYS A 317 -13.41 28.66 22.95
C LYS A 317 -12.20 28.16 22.18
N ASN A 318 -11.41 27.29 22.80
CA ASN A 318 -10.24 26.74 22.12
C ASN A 318 -10.58 26.15 20.76
N TYR A 319 -11.64 25.37 20.69
CA TYR A 319 -12.05 24.81 19.41
C TYR A 319 -12.38 25.93 18.42
N ALA A 320 -13.29 26.84 18.76
CA ALA A 320 -13.61 27.91 17.82
C ALA A 320 -12.45 28.83 17.45
N GLU A 321 -11.47 28.99 18.35
CA GLU A 321 -10.35 29.89 18.06
C GLU A 321 -9.42 29.35 16.98
N ALA A 322 -9.62 28.08 16.60
CA ALA A 322 -8.83 27.40 15.58
C ALA A 322 -9.35 25.97 15.56
N LYS A 323 -10.50 25.78 14.91
CA LYS A 323 -11.17 24.49 14.86
C LYS A 323 -10.25 23.37 14.49
N ASP A 324 -9.48 23.56 13.44
CA ASP A 324 -8.60 22.52 12.99
C ASP A 324 -7.37 22.28 13.81
N VAL A 325 -6.91 23.29 14.56
CA VAL A 325 -5.75 23.07 15.43
C VAL A 325 -6.29 22.25 16.58
N PHE A 326 -7.39 22.72 17.16
CA PHE A 326 -7.95 22.00 18.27
C PHE A 326 -8.22 20.55 17.91
N LEU A 327 -8.96 20.36 16.83
CA LEU A 327 -9.29 19.03 16.38
C LEU A 327 -8.03 18.20 16.21
N GLY A 328 -6.98 18.84 15.70
CA GLY A 328 -5.71 18.15 15.54
C GLY A 328 -5.13 17.80 16.90
N MET A 329 -5.34 18.69 17.88
CA MET A 329 -4.86 18.46 19.22
C MET A 329 -5.61 17.26 19.80
N PHE A 330 -6.89 17.22 19.51
CA PHE A 330 -7.67 16.11 19.99
C PHE A 330 -7.07 14.87 19.37
N LEU A 331 -7.00 14.89 18.04
CA LEU A 331 -6.43 13.81 17.28
C LEU A 331 -5.05 13.50 17.82
N TYR A 332 -4.26 14.53 18.03
CA TYR A 332 -2.93 14.30 18.57
C TYR A 332 -3.04 13.54 19.89
N GLU A 333 -3.69 14.16 20.86
CA GLU A 333 -3.84 13.60 22.18
C GLU A 333 -4.50 12.24 22.13
N TYR A 334 -5.49 12.08 21.28
CA TYR A 334 -6.14 10.78 21.18
C TYR A 334 -5.19 9.76 20.54
N ALA A 335 -4.58 10.14 19.43
CA ALA A 335 -3.71 9.22 18.73
C ALA A 335 -2.54 8.84 19.58
N ARG A 336 -1.83 9.82 20.10
CA ARG A 336 -0.65 9.52 20.92
C ARG A 336 -0.98 8.46 21.96
N ARG A 337 -2.19 8.51 22.49
CA ARG A 337 -2.65 7.59 23.49
C ARG A 337 -3.06 6.29 22.87
N HIS A 338 -3.45 6.34 21.60
CA HIS A 338 -3.91 5.13 20.95
C HIS A 338 -3.19 4.72 19.69
N PRO A 339 -2.04 4.09 19.85
CA PRO A 339 -1.28 3.62 18.71
C PRO A 339 -2.00 2.33 18.29
N ASP A 340 -2.86 1.82 19.19
CA ASP A 340 -3.56 0.61 18.87
C ASP A 340 -4.68 0.83 17.87
N TYR A 341 -5.10 2.08 17.75
CA TYR A 341 -6.17 2.38 16.83
C TYR A 341 -5.65 2.63 15.45
N SER A 342 -6.47 2.30 14.46
CA SER A 342 -6.14 2.55 13.07
C SER A 342 -6.28 4.05 12.94
N VAL A 343 -5.39 4.68 12.19
CA VAL A 343 -5.53 6.12 12.03
C VAL A 343 -6.97 6.54 11.75
N VAL A 344 -7.53 6.11 10.62
CA VAL A 344 -8.89 6.49 10.28
C VAL A 344 -9.83 6.47 11.48
N LEU A 345 -9.59 5.52 12.38
CA LEU A 345 -10.41 5.40 13.60
C LEU A 345 -10.25 6.72 14.31
N LEU A 346 -9.01 7.04 14.62
CA LEU A 346 -8.75 8.30 15.29
C LEU A 346 -9.47 9.39 14.53
N LEU A 347 -9.35 9.38 13.22
CA LEU A 347 -10.05 10.37 12.39
C LEU A 347 -11.54 10.29 12.60
N ARG A 348 -12.09 9.09 12.64
CA ARG A 348 -13.51 8.96 12.90
C ARG A 348 -13.85 9.55 14.26
N LEU A 349 -13.02 9.27 15.28
CA LEU A 349 -13.22 9.78 16.63
C LEU A 349 -13.12 11.29 16.57
N ALA A 350 -12.09 11.80 15.93
CA ALA A 350 -11.90 13.23 15.79
C ALA A 350 -13.04 13.85 15.01
N LYS A 351 -13.44 13.21 13.91
CA LYS A 351 -14.52 13.71 13.07
C LYS A 351 -15.77 13.76 13.94
N THR A 352 -15.84 12.81 14.87
CA THR A 352 -16.99 12.70 15.74
C THR A 352 -16.99 13.81 16.75
N TYR A 353 -15.86 13.95 17.42
CA TYR A 353 -15.67 14.99 18.42
C TYR A 353 -15.74 16.35 17.76
N GLU A 354 -15.58 16.39 16.44
CA GLU A 354 -15.68 17.62 15.65
C GLU A 354 -17.16 17.86 15.46
N THR A 355 -17.89 16.81 15.09
CA THR A 355 -19.31 16.92 14.81
C THR A 355 -20.11 17.43 16.01
N THR A 356 -19.85 16.85 17.17
CA THR A 356 -20.58 17.25 18.38
C THR A 356 -20.12 18.64 18.83
N LEU A 357 -18.83 18.93 18.69
CA LEU A 357 -18.36 20.27 19.06
C LEU A 357 -19.10 21.28 18.19
N GLU A 358 -19.13 21.02 16.89
CA GLU A 358 -19.86 21.87 15.97
C GLU A 358 -21.28 22.04 16.49
N LYS A 359 -21.91 20.91 16.78
CA LYS A 359 -23.27 20.89 17.29
C LYS A 359 -23.33 21.58 18.66
N CYS A 360 -22.69 20.98 19.64
CA CYS A 360 -22.69 21.49 21.00
C CYS A 360 -22.25 22.93 21.23
N CYS A 361 -21.00 23.25 20.90
CA CYS A 361 -20.46 24.59 21.15
C CYS A 361 -21.36 25.76 20.78
N ALA A 362 -22.40 25.49 19.99
CA ALA A 362 -23.38 26.52 19.59
C ALA A 362 -24.49 26.65 20.65
N ALA A 363 -24.92 25.51 21.18
CA ALA A 363 -25.99 25.46 22.18
C ALA A 363 -25.69 26.12 23.53
N ALA A 364 -26.76 26.51 24.22
CA ALA A 364 -26.74 27.18 25.52
C ALA A 364 -25.69 26.61 26.46
N ASP A 365 -25.78 25.29 26.67
CA ASP A 365 -24.79 24.63 27.50
C ASP A 365 -24.12 23.58 26.65
N PRO A 366 -22.86 23.81 26.31
CA PRO A 366 -22.11 22.85 25.51
C PRO A 366 -21.62 21.74 26.43
N HIS A 367 -20.98 22.11 27.54
CA HIS A 367 -20.46 21.10 28.47
C HIS A 367 -21.49 20.02 28.73
N GLU A 368 -22.73 20.42 28.98
CA GLU A 368 -23.82 19.47 29.23
C GLU A 368 -24.02 18.65 27.96
N CYS A 369 -24.12 19.36 26.85
CA CYS A 369 -24.31 18.75 25.54
C CYS A 369 -23.18 17.76 25.20
N TYR A 370 -21.94 18.22 25.25
CA TYR A 370 -20.82 17.36 24.92
C TYR A 370 -20.21 16.66 26.14
N ALA A 371 -20.93 16.63 27.25
CA ALA A 371 -20.42 15.99 28.46
C ALA A 371 -20.08 14.52 28.23
N LYS A 372 -20.89 13.87 27.40
CA LYS A 372 -20.71 12.45 27.13
C LYS A 372 -20.24 12.17 25.71
N VAL A 373 -19.37 13.01 25.16
CA VAL A 373 -18.90 12.81 23.81
C VAL A 373 -18.08 11.53 23.71
N PHE A 374 -17.28 11.25 24.73
CA PHE A 374 -16.45 10.06 24.75
C PHE A 374 -17.22 8.75 24.73
N ASP A 375 -18.50 8.82 25.07
CA ASP A 375 -19.34 7.63 25.03
C ASP A 375 -19.61 7.36 23.55
N GLU A 376 -19.57 8.42 22.73
CA GLU A 376 -19.79 8.26 21.29
C GLU A 376 -18.56 7.59 20.69
N PHE A 377 -17.47 7.61 21.42
CA PHE A 377 -16.23 7.04 20.94
C PHE A 377 -16.18 5.53 21.07
N LYS A 378 -16.94 4.98 22.03
CA LYS A 378 -16.93 3.54 22.21
C LYS A 378 -17.55 2.77 21.06
N PRO A 379 -18.72 3.21 20.55
CA PRO A 379 -19.33 2.48 19.43
C PRO A 379 -18.34 2.45 18.27
N LEU A 380 -17.57 3.52 18.10
CA LEU A 380 -16.59 3.60 17.04
C LEU A 380 -15.30 2.83 17.30
N VAL A 381 -14.82 2.81 18.54
CA VAL A 381 -13.60 2.06 18.88
C VAL A 381 -13.84 0.56 18.79
N GLU A 382 -14.77 0.07 19.61
CA GLU A 382 -15.16 -1.34 19.66
C GLU A 382 -15.50 -1.94 18.30
N GLU A 383 -16.32 -1.22 17.55
CA GLU A 383 -16.75 -1.68 16.23
C GLU A 383 -15.57 -2.28 15.44
N PRO A 384 -14.56 -1.47 15.09
CA PRO A 384 -13.43 -2.00 14.35
C PRO A 384 -12.52 -2.84 15.22
N GLN A 385 -12.68 -2.72 16.54
CA GLN A 385 -11.88 -3.54 17.46
C GLN A 385 -12.52 -4.89 17.46
N ASN A 386 -13.85 -4.88 17.40
CA ASN A 386 -14.59 -6.12 17.37
C ASN A 386 -14.25 -6.84 16.08
N LEU A 387 -14.33 -6.10 14.98
CA LEU A 387 -14.02 -6.67 13.69
C LEU A 387 -12.66 -7.29 13.74
N ILE A 388 -11.73 -6.75 14.51
CA ILE A 388 -10.44 -7.45 14.59
C ILE A 388 -10.65 -8.73 15.40
N LYS A 389 -11.10 -8.62 16.66
CA LYS A 389 -11.32 -9.83 17.46
C LYS A 389 -12.08 -10.87 16.62
N GLN A 390 -13.25 -10.49 16.16
CA GLN A 390 -14.10 -11.36 15.36
C GLN A 390 -13.37 -11.99 14.20
N ASN A 391 -12.72 -11.16 13.39
CA ASN A 391 -12.05 -11.69 12.23
C ASN A 391 -10.80 -12.48 12.52
N CYS A 392 -10.02 -12.01 13.49
CA CYS A 392 -8.82 -12.73 13.86
C CYS A 392 -9.19 -13.99 14.59
N GLU A 393 -10.45 -14.06 15.01
CA GLU A 393 -10.97 -15.26 15.65
C GLU A 393 -11.28 -16.15 14.48
N LEU A 394 -12.22 -15.70 13.65
CA LEU A 394 -12.61 -16.42 12.46
C LEU A 394 -11.34 -16.98 11.81
N PHE A 395 -10.38 -16.09 11.55
CA PHE A 395 -9.15 -16.47 10.91
C PHE A 395 -8.31 -17.48 11.70
N GLU A 396 -8.37 -17.43 13.03
CA GLU A 396 -7.59 -18.36 13.84
C GLU A 396 -8.28 -19.72 13.91
N GLN A 397 -9.58 -19.72 13.61
CA GLN A 397 -10.32 -20.96 13.64
C GLN A 397 -10.36 -21.53 12.24
N LEU A 398 -9.78 -20.81 11.28
CA LEU A 398 -9.82 -21.24 9.88
C LEU A 398 -8.53 -21.23 9.05
N GLY A 399 -7.54 -20.43 9.43
CA GLY A 399 -6.30 -20.39 8.65
C GLY A 399 -6.45 -19.39 7.51
N GLU A 400 -5.32 -18.93 6.94
CA GLU A 400 -5.38 -17.94 5.88
C GLU A 400 -6.35 -18.34 4.77
N TYR A 401 -6.23 -19.58 4.32
CA TYR A 401 -7.01 -20.09 3.21
C TYR A 401 -8.51 -20.18 3.38
N LYS A 402 -8.97 -21.03 4.28
CA LYS A 402 -10.40 -21.20 4.45
C LYS A 402 -11.00 -19.87 4.94
N PHE A 403 -10.13 -19.01 5.45
CA PHE A 403 -10.55 -17.70 5.92
C PHE A 403 -10.89 -16.86 4.70
N GLN A 404 -10.05 -16.94 3.67
CA GLN A 404 -10.31 -16.21 2.45
C GLN A 404 -11.64 -16.74 1.95
N ASN A 405 -11.77 -18.05 2.01
CA ASN A 405 -13.00 -18.65 1.58
C ASN A 405 -14.13 -18.12 2.44
N ALA A 406 -13.89 -17.97 3.73
CA ALA A 406 -14.91 -17.40 4.56
C ALA A 406 -15.26 -16.05 3.95
N LEU A 407 -14.24 -15.20 3.79
CA LEU A 407 -14.42 -13.86 3.24
C LEU A 407 -15.15 -13.88 1.90
N LEU A 408 -14.62 -14.65 0.96
CA LEU A 408 -15.19 -14.83 -0.37
C LEU A 408 -16.70 -14.96 -0.33
N VAL A 409 -17.21 -15.94 0.41
CA VAL A 409 -18.67 -16.10 0.40
C VAL A 409 -19.31 -14.91 1.07
N ARG A 410 -18.68 -14.37 2.11
CA ARG A 410 -19.22 -13.19 2.77
C ARG A 410 -19.44 -12.05 1.77
N TYR A 411 -18.40 -11.71 1.03
CA TYR A 411 -18.43 -10.60 0.10
C TYR A 411 -19.18 -10.88 -1.22
N THR A 412 -19.03 -12.08 -1.75
CA THR A 412 -19.75 -12.45 -2.95
C THR A 412 -21.23 -12.31 -2.59
N LYS A 413 -21.56 -12.62 -1.35
CA LYS A 413 -22.93 -12.49 -0.88
C LYS A 413 -23.25 -10.98 -0.74
N LYS A 414 -22.26 -10.21 -0.28
CA LYS A 414 -22.43 -8.79 -0.08
C LYS A 414 -22.48 -8.02 -1.39
N VAL A 415 -21.55 -8.33 -2.28
CA VAL A 415 -21.51 -7.69 -3.60
C VAL A 415 -21.28 -8.71 -4.73
N PRO A 416 -22.36 -9.39 -5.16
CA PRO A 416 -22.39 -10.41 -6.21
C PRO A 416 -22.05 -9.94 -7.61
N GLN A 417 -22.31 -8.67 -7.88
CA GLN A 417 -22.05 -8.11 -9.20
C GLN A 417 -20.55 -7.94 -9.49
N VAL A 418 -19.77 -7.76 -8.44
CA VAL A 418 -18.33 -7.58 -8.59
C VAL A 418 -17.79 -8.78 -9.35
N SER A 419 -16.80 -8.56 -10.21
CA SER A 419 -16.24 -9.65 -10.99
C SER A 419 -15.66 -10.68 -10.06
N THR A 420 -15.53 -11.91 -10.53
CA THR A 420 -15.00 -12.97 -9.70
C THR A 420 -13.51 -12.88 -9.44
N PRO A 421 -12.69 -12.59 -10.48
CA PRO A 421 -11.25 -12.52 -10.18
C PRO A 421 -11.02 -11.47 -9.12
N THR A 422 -11.81 -10.41 -9.19
CA THR A 422 -11.67 -9.34 -8.23
C THR A 422 -12.01 -9.88 -6.88
N LEU A 423 -13.22 -10.44 -6.75
CA LEU A 423 -13.63 -11.00 -5.47
C LEU A 423 -12.60 -12.00 -4.95
N VAL A 424 -11.96 -12.75 -5.85
CA VAL A 424 -10.96 -13.70 -5.44
C VAL A 424 -9.74 -12.96 -4.89
N GLU A 425 -9.24 -11.97 -5.62
CA GLU A 425 -8.08 -11.21 -5.16
C GLU A 425 -8.36 -10.47 -3.85
N VAL A 426 -9.28 -9.52 -3.86
CA VAL A 426 -9.56 -8.75 -2.64
C VAL A 426 -9.80 -9.66 -1.45
N SER A 427 -10.40 -10.82 -1.71
CA SER A 427 -10.70 -11.81 -0.68
C SER A 427 -9.38 -12.43 -0.25
N ARG A 428 -8.58 -12.76 -1.24
CA ARG A 428 -7.31 -13.35 -1.00
C ARG A 428 -6.40 -12.39 -0.26
N ASN A 429 -6.31 -11.15 -0.74
CA ASN A 429 -5.47 -10.16 -0.08
C ASN A 429 -6.01 -9.91 1.31
N LEU A 430 -7.32 -9.72 1.41
CA LEU A 430 -7.98 -9.56 2.71
C LEU A 430 -7.55 -10.65 3.68
N GLY A 431 -7.57 -11.89 3.20
CA GLY A 431 -7.17 -13.02 4.02
C GLY A 431 -5.73 -12.83 4.44
N LYS A 432 -4.90 -12.45 3.47
CA LYS A 432 -3.48 -12.19 3.72
C LYS A 432 -3.32 -11.15 4.81
N VAL A 433 -4.05 -10.04 4.72
CA VAL A 433 -3.96 -8.99 5.74
C VAL A 433 -4.51 -9.56 7.03
N GLY A 434 -5.40 -10.51 6.92
CA GLY A 434 -5.92 -11.11 8.12
C GLY A 434 -4.76 -11.89 8.72
N SER A 435 -4.13 -12.71 7.90
CA SER A 435 -3.02 -13.52 8.35
C SER A 435 -1.92 -12.67 8.94
N LYS A 436 -1.68 -11.52 8.32
CA LYS A 436 -0.60 -10.64 8.75
C LYS A 436 -0.92 -9.90 10.05
N CYS A 437 -2.07 -9.25 10.10
CA CYS A 437 -2.45 -8.45 11.24
C CYS A 437 -2.97 -9.18 12.44
N CYS A 438 -3.43 -10.41 12.24
CA CYS A 438 -3.94 -11.20 13.34
C CYS A 438 -2.79 -11.77 14.17
N LYS A 439 -1.66 -12.03 13.53
CA LYS A 439 -0.54 -12.51 14.28
C LYS A 439 -0.10 -11.37 15.18
N HIS A 440 -0.28 -10.14 14.69
CA HIS A 440 0.04 -8.95 15.46
C HIS A 440 -0.74 -8.99 16.74
N PRO A 441 -0.24 -8.35 17.81
CA PRO A 441 -1.06 -8.44 19.04
C PRO A 441 -2.20 -7.44 19.00
N GLU A 442 -3.27 -7.77 19.69
CA GLU A 442 -4.46 -6.94 19.83
C GLU A 442 -4.12 -5.46 19.69
N ALA A 443 -3.04 -5.07 20.34
CA ALA A 443 -2.58 -3.69 20.35
C ALA A 443 -2.18 -3.13 18.97
N LYS A 444 -1.40 -3.89 18.22
CA LYS A 444 -0.91 -3.42 16.93
C LYS A 444 -1.82 -3.85 15.78
N ARG A 445 -2.82 -4.66 16.09
CA ARG A 445 -3.73 -5.19 15.10
C ARG A 445 -4.43 -4.17 14.20
N MET A 446 -5.18 -3.26 14.79
CA MET A 446 -5.91 -2.33 13.98
C MET A 446 -5.07 -1.45 13.05
N PRO A 447 -3.92 -0.95 13.53
CA PRO A 447 -3.13 -0.15 12.61
C PRO A 447 -2.96 -1.04 11.42
N CYS A 448 -2.11 -2.03 11.61
CA CYS A 448 -1.77 -3.04 10.65
C CYS A 448 -2.89 -3.30 9.65
N ALA A 449 -4.06 -3.62 10.16
CA ALA A 449 -5.20 -3.91 9.29
C ALA A 449 -5.45 -2.72 8.37
N GLU A 450 -5.74 -1.58 8.98
CA GLU A 450 -6.01 -0.37 8.25
C GLU A 450 -5.03 -0.18 7.11
N ASP A 451 -3.74 -0.34 7.36
CA ASP A 451 -2.79 -0.13 6.29
C ASP A 451 -3.09 -1.02 5.11
N TYR A 452 -2.99 -2.33 5.32
CA TYR A 452 -3.27 -3.28 4.26
C TYR A 452 -4.69 -3.06 3.75
N LEU A 453 -5.62 -2.89 4.68
CA LEU A 453 -7.01 -2.68 4.33
C LEU A 453 -7.19 -1.57 3.29
N SER A 454 -6.83 -0.35 3.64
CA SER A 454 -7.02 0.80 2.73
C SER A 454 -6.40 0.57 1.36
N VAL A 455 -5.36 -0.24 1.35
CA VAL A 455 -4.67 -0.60 0.12
C VAL A 455 -5.50 -1.64 -0.62
N VAL A 456 -5.97 -2.64 0.12
CA VAL A 456 -6.77 -3.68 -0.46
C VAL A 456 -8.05 -3.06 -0.96
N LEU A 457 -8.67 -2.24 -0.11
CA LEU A 457 -9.89 -1.54 -0.44
C LEU A 457 -9.63 -0.68 -1.64
N ASN A 458 -8.59 0.15 -1.58
CA ASN A 458 -8.29 0.98 -2.72
C ASN A 458 -7.98 0.21 -3.98
N GLN A 459 -7.18 -0.85 -3.90
CA GLN A 459 -6.93 -1.61 -5.11
C GLN A 459 -8.31 -1.99 -5.64
N LEU A 460 -9.14 -2.50 -4.73
CA LEU A 460 -10.49 -2.95 -5.05
C LEU A 460 -11.30 -1.79 -5.60
N CYS A 461 -11.21 -0.66 -4.93
CA CYS A 461 -11.96 0.49 -5.35
C CYS A 461 -11.60 1.06 -6.70
N VAL A 462 -10.31 1.22 -6.98
CA VAL A 462 -9.92 1.76 -8.27
C VAL A 462 -10.10 0.68 -9.34
N LEU A 463 -9.95 -0.59 -8.97
CA LEU A 463 -10.20 -1.63 -9.97
C LEU A 463 -11.67 -1.50 -10.34
N HIS A 464 -12.49 -1.26 -9.32
CA HIS A 464 -13.93 -1.13 -9.52
C HIS A 464 -14.28 0.13 -10.30
N GLU A 465 -13.35 1.07 -10.37
CA GLU A 465 -13.60 2.27 -11.16
C GLU A 465 -13.42 1.88 -12.63
N LYS A 466 -14.35 2.30 -13.47
CA LYS A 466 -14.40 1.96 -14.89
C LYS A 466 -14.19 0.46 -15.12
N THR A 467 -15.03 -0.28 -14.41
CA THR A 467 -15.21 -1.72 -14.42
C THR A 467 -16.31 -1.80 -13.37
N PRO A 468 -16.97 -0.65 -13.06
CA PRO A 468 -17.98 -0.69 -12.01
C PRO A 468 -19.11 -1.68 -12.17
N VAL A 469 -19.41 -2.36 -11.08
CA VAL A 469 -20.47 -3.34 -11.10
C VAL A 469 -21.41 -3.17 -9.90
N SER A 470 -20.88 -2.69 -8.78
CA SER A 470 -21.72 -2.45 -7.61
C SER A 470 -21.65 -1.02 -7.13
N ASP A 471 -22.71 -0.27 -7.41
CA ASP A 471 -22.87 1.10 -6.96
C ASP A 471 -22.56 1.20 -5.47
N ARG A 472 -22.99 0.19 -4.72
CA ARG A 472 -22.75 0.15 -3.28
C ARG A 472 -21.27 0.19 -2.99
N VAL A 473 -20.47 -0.27 -3.96
CA VAL A 473 -19.03 -0.29 -3.84
C VAL A 473 -18.55 1.10 -4.21
N THR A 474 -19.02 1.60 -5.35
CA THR A 474 -18.66 2.95 -5.82
C THR A 474 -18.92 3.91 -4.69
N LYS A 475 -19.94 3.60 -3.90
CA LYS A 475 -20.31 4.41 -2.74
C LYS A 475 -19.20 4.27 -1.73
N CYS A 476 -18.98 3.04 -1.31
CA CYS A 476 -17.94 2.72 -0.35
C CYS A 476 -16.59 3.25 -0.83
N CYS A 477 -16.46 3.44 -2.13
CA CYS A 477 -15.23 3.94 -2.73
C CYS A 477 -15.21 5.46 -2.77
N THR A 478 -16.38 6.06 -2.97
CA THR A 478 -16.48 7.50 -3.01
C THR A 478 -16.87 7.99 -1.64
N GLU A 479 -16.56 7.18 -0.63
CA GLU A 479 -16.84 7.53 0.75
C GLU A 479 -15.68 8.32 1.28
N SER A 480 -15.82 8.81 2.49
CA SER A 480 -14.74 9.56 3.11
C SER A 480 -13.63 8.59 3.52
N LEU A 481 -12.44 9.14 3.72
CA LEU A 481 -11.28 8.36 4.12
C LEU A 481 -11.64 7.44 5.26
N VAL A 482 -12.48 7.97 6.15
CA VAL A 482 -12.95 7.26 7.33
C VAL A 482 -14.24 6.45 7.13
N ASN A 483 -15.01 6.78 6.10
CA ASN A 483 -16.27 6.08 5.85
C ASN A 483 -16.06 4.84 5.00
N ARG A 484 -14.97 4.86 4.27
CA ARG A 484 -14.63 3.83 3.34
C ARG A 484 -14.80 2.41 3.85
N ARG A 485 -14.01 2.01 4.84
CA ARG A 485 -14.08 0.66 5.35
C ARG A 485 -15.41 0.40 6.04
N PRO A 486 -15.87 1.34 6.86
CA PRO A 486 -17.16 1.08 7.50
C PRO A 486 -18.20 0.78 6.43
N CYS A 487 -18.41 1.72 5.50
CA CYS A 487 -19.35 1.51 4.39
C CYS A 487 -19.29 0.06 3.93
N PHE A 488 -18.09 -0.41 3.61
CA PHE A 488 -17.91 -1.81 3.22
C PHE A 488 -18.47 -2.74 4.27
N SER A 489 -18.01 -2.57 5.52
CA SER A 489 -18.45 -3.39 6.64
C SER A 489 -19.94 -3.22 6.89
N ALA A 490 -20.55 -2.28 6.17
CA ALA A 490 -21.98 -2.00 6.24
C ALA A 490 -22.67 -2.63 5.03
N LEU A 491 -21.87 -3.14 4.11
CA LEU A 491 -22.39 -3.82 2.92
C LEU A 491 -23.07 -5.06 3.44
N GLU A 492 -24.35 -5.16 3.14
CA GLU A 492 -25.16 -6.27 3.58
C GLU A 492 -25.08 -7.32 2.50
N VAL A 493 -26.02 -8.26 2.54
CA VAL A 493 -26.12 -9.26 1.50
C VAL A 493 -27.04 -8.52 0.50
N ASP A 494 -26.73 -8.58 -0.80
CA ASP A 494 -27.55 -7.91 -1.81
C ASP A 494 -28.83 -8.70 -2.06
N GLU A 495 -29.84 -8.49 -1.22
CA GLU A 495 -31.08 -9.25 -1.35
C GLU A 495 -31.95 -8.93 -2.56
N THR A 496 -31.50 -7.95 -3.34
CA THR A 496 -32.20 -7.60 -4.57
C THR A 496 -31.45 -8.40 -5.65
N TYR A 497 -30.40 -9.11 -5.25
CA TYR A 497 -29.59 -9.90 -6.19
C TYR A 497 -30.33 -11.05 -6.82
N VAL A 498 -30.28 -11.10 -8.13
CA VAL A 498 -30.88 -12.19 -8.87
C VAL A 498 -29.74 -13.19 -8.96
N PRO A 499 -29.97 -14.41 -8.46
CA PRO A 499 -28.90 -15.42 -8.53
C PRO A 499 -28.49 -15.57 -9.98
N LYS A 500 -27.23 -15.28 -10.28
CA LYS A 500 -26.73 -15.40 -11.64
C LYS A 500 -27.06 -16.78 -12.17
N GLU A 501 -27.61 -16.82 -13.39
CA GLU A 501 -28.02 -18.05 -14.06
C GLU A 501 -26.85 -19.03 -14.10
N PHE A 502 -27.15 -20.29 -13.83
CA PHE A 502 -26.15 -21.35 -13.79
C PHE A 502 -25.29 -21.48 -15.04
N ASN A 503 -24.07 -21.98 -14.86
CA ASN A 503 -23.16 -22.21 -15.98
C ASN A 503 -22.16 -23.30 -15.64
N ALA A 504 -22.43 -24.49 -16.17
CA ALA A 504 -21.65 -25.70 -15.94
C ALA A 504 -20.13 -25.59 -16.15
N GLU A 505 -19.71 -24.80 -17.14
CA GLU A 505 -18.27 -24.68 -17.42
C GLU A 505 -17.45 -24.17 -16.24
N THR A 506 -17.90 -23.09 -15.62
CA THR A 506 -17.21 -22.51 -14.48
C THR A 506 -17.18 -23.57 -13.38
N PHE A 507 -18.18 -24.44 -13.40
CA PHE A 507 -18.29 -25.50 -12.41
C PHE A 507 -17.70 -26.83 -12.83
N THR A 508 -17.20 -26.93 -14.06
CA THR A 508 -16.53 -28.15 -14.46
C THR A 508 -15.06 -27.82 -14.35
N PHE A 509 -14.31 -28.76 -13.77
CA PHE A 509 -12.89 -28.59 -13.57
C PHE A 509 -12.18 -29.82 -14.08
N HIS A 510 -10.85 -29.78 -14.09
CA HIS A 510 -10.09 -30.90 -14.64
C HIS A 510 -8.86 -31.25 -13.82
N ALA A 511 -8.21 -32.34 -14.20
CA ALA A 511 -6.98 -32.81 -13.54
C ALA A 511 -5.96 -31.67 -13.51
N ASP A 512 -6.27 -30.61 -14.25
CA ASP A 512 -5.48 -29.40 -14.31
C ASP A 512 -5.30 -29.00 -12.85
N ILE A 513 -6.45 -28.89 -12.20
CA ILE A 513 -6.61 -28.52 -10.80
C ILE A 513 -5.75 -29.28 -9.77
N CYS A 514 -5.67 -30.60 -9.91
CA CYS A 514 -4.95 -31.47 -8.96
C CYS A 514 -3.45 -31.14 -8.79
N THR A 515 -2.82 -30.61 -9.84
CA THR A 515 -1.41 -30.27 -9.76
C THR A 515 -1.06 -28.87 -10.28
N LEU A 516 -1.97 -27.93 -10.03
CA LEU A 516 -1.74 -26.54 -10.34
C LEU A 516 -1.00 -26.11 -9.08
N SER A 517 -0.29 -24.99 -9.11
CA SER A 517 0.40 -24.50 -7.92
C SER A 517 -0.65 -24.29 -6.84
N GLU A 518 -0.31 -24.57 -5.58
CA GLU A 518 -1.30 -24.41 -4.52
C GLU A 518 -2.00 -23.06 -4.54
N LYS A 519 -1.47 -22.10 -5.29
CA LYS A 519 -2.13 -20.81 -5.40
C LYS A 519 -3.24 -21.04 -6.43
N GLU A 520 -2.84 -21.33 -7.67
CA GLU A 520 -3.78 -21.60 -8.76
C GLU A 520 -4.93 -22.47 -8.26
N ARG A 521 -4.57 -23.46 -7.44
CA ARG A 521 -5.54 -24.39 -6.90
C ARG A 521 -6.57 -23.56 -6.15
N GLN A 522 -6.08 -22.82 -5.16
CA GLN A 522 -6.93 -21.97 -4.33
C GLN A 522 -7.71 -20.99 -5.16
N ILE A 523 -7.03 -20.36 -6.10
CA ILE A 523 -7.71 -19.38 -6.92
C ILE A 523 -8.83 -20.05 -7.68
N LYS A 524 -8.58 -21.17 -8.33
CA LYS A 524 -9.64 -21.86 -9.07
C LYS A 524 -10.75 -22.32 -8.12
N LYS A 525 -10.36 -22.78 -6.93
CA LYS A 525 -11.34 -23.21 -5.93
C LYS A 525 -12.14 -22.00 -5.47
N GLN A 526 -11.43 -20.94 -5.12
CA GLN A 526 -12.08 -19.71 -4.68
C GLN A 526 -12.89 -19.04 -5.77
N THR A 527 -12.40 -19.02 -7.01
CA THR A 527 -13.23 -18.41 -8.05
C THR A 527 -14.46 -19.29 -8.20
N ALA A 528 -14.27 -20.60 -7.98
CA ALA A 528 -15.38 -21.55 -8.07
C ALA A 528 -16.36 -21.32 -6.93
N LEU A 529 -15.80 -21.15 -5.73
CA LEU A 529 -16.59 -20.90 -4.53
C LEU A 529 -17.38 -19.63 -4.67
N VAL A 530 -16.78 -18.65 -5.34
CA VAL A 530 -17.42 -17.38 -5.57
C VAL A 530 -18.61 -17.64 -6.46
N GLU A 531 -18.36 -17.93 -7.73
CA GLU A 531 -19.44 -18.19 -8.68
C GLU A 531 -20.48 -19.10 -8.04
N LEU A 532 -20.02 -20.01 -7.20
CA LEU A 532 -20.92 -20.90 -6.48
C LEU A 532 -21.93 -20.06 -5.71
N VAL A 533 -21.44 -19.09 -4.94
CA VAL A 533 -22.29 -18.19 -4.18
C VAL A 533 -23.08 -17.27 -5.13
N LYS A 534 -22.46 -16.90 -6.25
CA LYS A 534 -23.13 -16.03 -7.19
C LYS A 534 -24.35 -16.69 -7.78
N HIS A 535 -24.28 -17.99 -8.05
CA HIS A 535 -25.46 -18.67 -8.59
C HIS A 535 -26.42 -19.02 -7.47
N LYS A 536 -25.88 -19.32 -6.29
CA LYS A 536 -26.70 -19.66 -5.15
C LYS A 536 -26.47 -18.74 -3.97
N PRO A 537 -26.77 -17.45 -4.13
CA PRO A 537 -26.56 -16.48 -3.06
C PRO A 537 -27.08 -16.97 -1.72
N LYS A 538 -28.31 -17.49 -1.72
CA LYS A 538 -28.91 -17.97 -0.49
C LYS A 538 -28.51 -19.42 -0.20
N ALA A 539 -27.39 -19.57 0.50
CA ALA A 539 -26.89 -20.90 0.88
C ALA A 539 -26.22 -20.74 2.24
N THR A 540 -26.68 -21.51 3.21
CA THR A 540 -26.16 -21.46 4.56
C THR A 540 -24.77 -22.02 4.73
N LYS A 541 -24.05 -21.51 5.73
CA LYS A 541 -22.72 -21.99 6.04
C LYS A 541 -22.85 -23.48 6.23
N GLU A 542 -24.09 -23.92 6.43
CA GLU A 542 -24.39 -25.32 6.61
C GLU A 542 -24.29 -25.93 5.20
N GLN A 543 -25.14 -25.42 4.30
CA GLN A 543 -25.20 -25.86 2.90
C GLN A 543 -23.94 -25.67 2.08
N LEU A 544 -23.03 -24.82 2.53
CA LEU A 544 -21.80 -24.60 1.77
C LEU A 544 -20.66 -25.46 2.27
N LYS A 545 -20.44 -25.51 3.58
CA LYS A 545 -19.41 -26.39 4.11
C LYS A 545 -19.77 -27.76 3.57
N ALA A 546 -21.06 -27.91 3.24
CA ALA A 546 -21.58 -29.13 2.65
C ALA A 546 -20.97 -29.28 1.26
N VAL A 547 -21.35 -28.37 0.38
CA VAL A 547 -20.88 -28.34 -1.00
C VAL A 547 -19.35 -28.28 -1.11
N MET A 548 -18.71 -27.58 -0.19
CA MET A 548 -17.27 -27.47 -0.21
C MET A 548 -16.60 -28.74 0.31
N ASP A 549 -17.09 -29.26 1.44
CA ASP A 549 -16.53 -30.49 1.99
C ASP A 549 -16.69 -31.57 0.91
N ASP A 550 -17.66 -31.37 0.03
CA ASP A 550 -17.88 -32.26 -1.11
C ASP A 550 -16.64 -32.14 -1.97
N PHE A 551 -16.52 -30.96 -2.59
CA PHE A 551 -15.41 -30.62 -3.44
C PHE A 551 -14.13 -31.24 -2.88
N ALA A 552 -13.66 -30.72 -1.75
CA ALA A 552 -12.45 -31.23 -1.09
C ALA A 552 -12.33 -32.75 -1.24
N ALA A 553 -13.40 -33.47 -0.90
CA ALA A 553 -13.41 -34.92 -1.03
C ALA A 553 -13.38 -35.25 -2.53
N PHE A 554 -14.42 -34.77 -3.23
CA PHE A 554 -14.54 -34.94 -4.68
C PHE A 554 -13.22 -34.77 -5.42
N VAL A 555 -12.38 -33.84 -4.98
CA VAL A 555 -11.10 -33.62 -5.65
C VAL A 555 -10.00 -34.60 -5.25
N GLU A 556 -9.71 -34.74 -3.96
CA GLU A 556 -8.64 -35.69 -3.61
C GLU A 556 -9.08 -37.13 -3.85
N LYS A 557 -10.39 -37.34 -4.05
CA LYS A 557 -10.91 -38.65 -4.39
C LYS A 557 -11.11 -38.63 -5.90
N CYS A 558 -10.04 -38.24 -6.60
CA CYS A 558 -10.00 -38.17 -8.06
C CYS A 558 -8.56 -38.09 -8.55
N CYS A 559 -7.68 -37.59 -7.70
CA CYS A 559 -6.27 -37.46 -8.07
C CYS A 559 -5.39 -38.29 -7.14
N LYS A 564 -7.07 -41.71 -15.07
CA LYS A 564 -8.48 -42.09 -15.21
C LYS A 564 -9.32 -40.87 -14.84
N GLU A 565 -8.81 -39.70 -15.17
CA GLU A 565 -9.43 -38.44 -14.79
C GLU A 565 -10.66 -37.87 -15.50
N THR A 566 -11.58 -38.76 -15.91
CA THR A 566 -12.86 -38.31 -16.49
C THR A 566 -13.79 -38.23 -15.29
N CYS A 567 -13.22 -38.56 -14.12
CA CYS A 567 -13.96 -38.50 -12.87
C CYS A 567 -14.57 -37.10 -12.84
N PHE A 568 -13.77 -36.11 -13.24
CA PHE A 568 -14.20 -34.72 -13.22
C PHE A 568 -15.42 -34.43 -14.09
N ALA A 569 -15.57 -35.18 -15.17
CA ALA A 569 -16.72 -34.97 -16.04
C ALA A 569 -17.96 -35.63 -15.40
N GLU A 570 -17.75 -36.70 -14.64
CA GLU A 570 -18.85 -37.43 -14.00
C GLU A 570 -18.96 -37.21 -12.49
N GLU A 571 -17.92 -37.55 -11.75
CA GLU A 571 -17.93 -37.38 -10.29
C GLU A 571 -18.12 -35.90 -10.07
N GLY A 572 -17.90 -35.13 -11.14
CA GLY A 572 -18.11 -33.70 -11.12
C GLY A 572 -19.60 -33.55 -11.33
N LYS A 573 -20.08 -34.00 -12.49
CA LYS A 573 -21.51 -33.93 -12.82
C LYS A 573 -22.41 -34.06 -11.58
N LYS A 574 -22.18 -35.11 -10.79
CA LYS A 574 -22.97 -35.32 -9.57
C LYS A 574 -22.87 -34.10 -8.65
N LEU A 575 -21.65 -33.66 -8.34
CA LEU A 575 -21.47 -32.51 -7.47
C LEU A 575 -22.28 -31.33 -7.97
N VAL A 576 -22.15 -31.06 -9.27
CA VAL A 576 -22.84 -29.95 -9.92
C VAL A 576 -24.36 -29.99 -9.76
N ALA A 577 -24.98 -31.15 -9.94
CA ALA A 577 -26.43 -31.28 -9.81
C ALA A 577 -26.86 -31.51 -8.36
N ALA A 578 -26.05 -32.24 -7.61
CA ALA A 578 -26.34 -32.52 -6.21
C ALA A 578 -26.49 -31.21 -5.43
N SER A 579 -25.48 -30.36 -5.54
CA SER A 579 -25.47 -29.07 -4.86
C SER A 579 -26.60 -28.18 -5.37
N GLN A 580 -26.69 -28.05 -6.69
CA GLN A 580 -27.69 -27.25 -7.37
C GLN A 580 -29.08 -27.44 -6.77
N ALA A 581 -29.43 -28.70 -6.53
CA ALA A 581 -30.73 -29.06 -5.96
C ALA A 581 -30.71 -28.84 -4.47
N ALA A 582 -29.65 -29.31 -3.81
CA ALA A 582 -29.49 -29.15 -2.37
C ALA A 582 -29.67 -27.70 -1.95
N LEU A 583 -29.03 -26.78 -2.68
CA LEU A 583 -29.11 -25.36 -2.38
C LEU A 583 -30.44 -24.70 -2.78
N GLY A 584 -31.55 -25.42 -2.57
CA GLY A 584 -32.86 -24.90 -2.88
C GLY A 584 -33.18 -24.77 -4.36
C1 MYR B . 15.14 9.52 1.11
O1 MYR B . 14.11 9.98 1.60
O2 MYR B . 15.12 8.33 0.69
C2 MYR B . 16.35 10.42 1.03
C3 MYR B . 16.54 10.91 -0.38
C4 MYR B . 17.41 9.91 -1.15
C5 MYR B . 18.32 10.65 -2.12
C6 MYR B . 18.35 9.93 -3.45
C7 MYR B . 17.67 10.82 -4.48
C8 MYR B . 17.25 9.99 -5.68
C9 MYR B . 17.77 10.64 -6.94
C10 MYR B . 19.29 10.68 -6.90
C11 MYR B . 19.82 10.49 -8.31
C12 MYR B . 20.65 11.70 -8.70
C13 MYR B . 21.42 11.47 -10.01
C14 MYR B . 20.56 11.65 -11.26
C1 MYR C . -10.71 0.74 10.39
O1 MYR C . -11.93 0.81 10.23
O2 MYR C . -10.26 1.17 11.45
C2 MYR C . -9.85 0.11 9.37
C3 MYR C . -9.70 -1.40 9.60
C4 MYR C . -10.68 -1.87 10.65
C5 MYR C . -11.29 -3.22 10.27
C6 MYR C . -10.49 -4.39 10.81
C7 MYR C . -10.95 -5.68 10.20
C8 MYR C . -9.77 -6.28 9.54
C9 MYR C . -8.81 -7.08 10.41
C10 MYR C . -9.16 -8.57 10.49
C11 MYR C . -9.15 -9.21 9.11
C12 MYR C . -9.05 -8.19 7.97
C13 MYR C . -10.45 -7.70 7.53
C14 MYR C . -11.24 -8.82 6.91
C3 MYR D . -15.25 -7.08 7.25
C4 MYR D . -14.43 -5.90 6.85
C5 MYR D . -12.93 -5.94 7.32
C6 MYR D . -12.30 -4.97 6.25
C7 MYR D . -12.93 -5.57 4.95
C8 MYR D . -14.00 -4.38 4.97
C9 MYR D . -14.40 -4.38 3.55
C10 MYR D . -14.06 -5.84 3.07
C11 MYR D . -15.15 -5.91 1.98
C12 MYR D . -14.32 -6.43 0.77
C13 MYR D . -15.52 -6.08 -0.14
C14 MYR D . -15.54 -7.12 -1.27
C1 MYR E . -11.47 -26.78 0.09
O1 MYR E . -10.74 -26.28 0.99
O2 MYR E . -11.12 -27.81 -0.53
C2 MYR E . -12.80 -26.15 -0.29
C3 MYR E . -12.57 -24.85 -1.06
C4 MYR E . -13.80 -24.40 -1.82
C5 MYR E . -14.07 -25.25 -3.08
C6 MYR E . -14.95 -24.50 -4.08
C7 MYR E . -16.25 -25.27 -4.35
C8 MYR E . -16.91 -24.76 -5.63
C9 MYR E . -17.47 -25.98 -6.36
C10 MYR E . -18.95 -25.80 -6.70
C11 MYR E . -19.56 -27.18 -6.95
C12 MYR E . -20.52 -27.17 -8.13
C13 MYR E . -21.97 -27.26 -7.66
C14 MYR E . -22.75 -25.98 -7.93
C1 11D F . -6.10 22.13 8.52
C2 11D F . -5.37 22.62 9.62
C3 11D F . -4.92 21.70 10.60
C4 11D F . -5.19 20.31 10.48
C5 11D F . -5.91 19.88 9.37
C6 11D F . -6.36 20.78 8.40
C7 11D F . -5.11 23.99 9.73
C8 11D F . -4.38 24.46 10.82
C9 11D F . -3.94 23.57 11.79
C10 11D F . -4.21 22.19 11.70
N11 11D F . -5.56 24.92 8.76
C12 11D F . -5.03 24.95 7.40
C13 11D F . -6.57 25.91 9.09
S14 11D F . -4.72 19.20 11.56
O15 11D F . -4.38 17.98 10.87
O16 11D F . -3.60 19.66 12.35
N17 11D F . -5.86 18.80 12.57
C18 11D F . -6.51 17.54 12.43
C19 11D F . -7.62 17.69 11.39
C20 11D F . -8.95 17.43 12.08
C21 11D F . -9.79 16.48 11.24
C22 11D F . -10.78 15.75 12.13
C23 11D F . -11.93 15.26 11.27
C24 11D F . -11.55 14.12 10.32
C25 11D F . -11.75 14.54 8.87
C26 11D F . -12.94 15.50 8.69
C27 11D F . -14.11 14.84 7.95
C28 11D F . -13.61 14.23 6.65
O29 11D F . -13.35 12.91 6.65
O30 11D F . -13.43 14.94 5.66
C1 11D G . 2.80 10.34 7.38
C2 11D G . 3.57 9.28 6.91
C3 11D G . 4.12 8.35 7.78
C4 11D G . 3.94 8.54 9.13
C5 11D G . 3.20 9.59 9.63
C6 11D G . 2.63 10.49 8.75
C7 11D G . 3.74 9.08 5.53
C8 11D G . 4.50 8.00 5.08
C9 11D G . 5.07 7.09 5.96
C10 11D G . 4.89 7.27 7.32
N11 11D G . 3.18 9.98 4.63
C12 11D G . 2.03 9.54 3.87
C13 11D G . 3.73 11.32 4.46
S14 11D G . 4.61 7.50 10.13
O15 11D G . 4.19 6.17 9.78
O16 11D G . 4.23 7.81 11.48
N17 11D G . 6.18 7.59 10.01
C18 11D G . 6.86 8.54 10.87
C19 11D G . 7.07 9.87 10.18
C20 11D G . 7.60 9.68 8.78
C21 11D G . 8.63 10.76 8.49
C22 11D G . 9.70 10.27 7.55
C23 11D G . 9.42 10.71 6.12
C24 11D G . 8.89 9.52 5.32
C25 11D G . 7.59 9.87 4.60
C26 11D G . 7.85 9.88 3.10
C27 11D G . 6.68 9.27 2.31
C28 11D G . 5.76 10.38 1.85
O29 11D G . 6.01 11.62 2.30
O30 11D G . 4.82 10.16 1.09
#